data_5AVI
#
_entry.id   5AVI
#
_cell.length_a   124.356
_cell.length_b   124.356
_cell.length_c   91.916
_cell.angle_alpha   90.00
_cell.angle_beta   90.00
_cell.angle_gamma   90.00
#
_symmetry.space_group_name_H-M   'P 4 21 2'
#
loop_
_entity.id
_entity.type
_entity.pdbx_description
1 polymer 'Oxysterols receptor LXR-alpha'
2 polymer 'Nuclear receptor coactivator 1'
3 non-polymer 'tert-butyl 2-[[4-[ethanoyl(methyl)amino]phenoxy]methyl]-5-(trifluoromethyl)benzoate'
4 water water
#
loop_
_entity_poly.entity_id
_entity_poly.type
_entity_poly.pdbx_seq_one_letter_code
_entity_poly.pdbx_strand_id
1 'polypeptide(L)'
;MKHQHQHQHQHQHQQPLQEEEQAHATSLPPRASSPPQILPQLSPEQLGMIEKLVAAQQQCNRRSFSDRLRVTPWPMAPDP
HSREARQQRFAHFTELAIVSVQEIVDFAKQLPGFLQLSREDQIALLKTSAIEVMLLETSRRYNPGSESITFLKDFSYNRE
DFAKAGLQVEFINPIFEFSRAMNELQLNDAEFALLIAISIFSADRPNVQDQLQVERLQHTYVEALHAYVSIHHPHDRLMF
PRMLMKLVSLRTLSSVHSEQVFALRLQDKKLPPLLSEIWDVHE
;
A,C
2 'polypeptide(L)' CPSSHSSLTERHKILHRLLQEGSPS B,D
#
loop_
_chem_comp.id
_chem_comp.type
_chem_comp.name
_chem_comp.formula
4KM non-polymer 'tert-butyl 2-[[4-[ethanoyl(methyl)amino]phenoxy]methyl]-5-(trifluoromethyl)benzoate' 'C22 H24 F3 N O4'
#
# COMPACT_ATOMS: atom_id res chain seq x y z
N PRO A 40 -26.86 -2.80 0.77
CA PRO A 40 -26.48 -1.38 0.78
C PRO A 40 -27.11 -0.62 -0.40
N GLN A 41 -28.22 0.07 -0.12
CA GLN A 41 -29.01 0.78 -1.12
C GLN A 41 -28.32 2.08 -1.56
N LEU A 42 -28.22 2.27 -2.87
CA LEU A 42 -27.70 3.50 -3.44
C LEU A 42 -28.72 4.63 -3.29
N SER A 43 -28.33 5.67 -2.56
CA SER A 43 -29.15 6.84 -2.33
C SER A 43 -29.13 7.73 -3.58
N PRO A 44 -30.15 8.60 -3.77
CA PRO A 44 -30.12 9.67 -4.80
C PRO A 44 -28.95 10.66 -4.72
N GLU A 45 -28.49 10.93 -3.51
CA GLU A 45 -27.32 11.77 -3.23
C GLU A 45 -26.02 11.10 -3.70
N GLN A 46 -25.92 9.78 -3.54
CA GLN A 46 -24.78 9.01 -4.04
C GLN A 46 -24.81 8.83 -5.54
N LEU A 47 -26.02 8.62 -6.08
CA LEU A 47 -26.27 8.43 -7.52
C LEU A 47 -25.88 9.65 -8.37
N GLY A 48 -26.26 10.84 -7.89
CA GLY A 48 -25.93 12.10 -8.54
C GLY A 48 -24.46 12.49 -8.41
N MET A 49 -23.83 12.05 -7.33
CA MET A 49 -22.40 12.26 -7.10
C MET A 49 -21.55 11.41 -8.03
N ILE A 50 -21.93 10.13 -8.18
CA ILE A 50 -21.24 9.14 -9.04
C ILE A 50 -21.27 9.57 -10.51
N GLU A 51 -22.44 10.00 -10.98
CA GLU A 51 -22.64 10.47 -12.36
C GLU A 51 -21.93 11.79 -12.69
N LYS A 52 -21.73 12.62 -11.67
CA LYS A 52 -20.95 13.85 -11.77
C LYS A 52 -19.46 13.53 -11.96
N LEU A 53 -18.99 12.47 -11.30
CA LEU A 53 -17.61 12.00 -11.42
C LEU A 53 -17.31 11.31 -12.75
N VAL A 54 -18.33 10.64 -13.32
CA VAL A 54 -18.23 10.02 -14.66
C VAL A 54 -18.16 11.11 -15.73
N ALA A 55 -19.03 12.12 -15.61
CA ALA A 55 -19.09 13.28 -16.52
C ALA A 55 -17.86 14.19 -16.48
N ALA A 56 -17.19 14.24 -15.32
CA ALA A 56 -15.93 14.97 -15.16
C ALA A 56 -14.75 14.29 -15.86
N GLN A 57 -14.83 12.97 -16.03
CA GLN A 57 -13.80 12.23 -16.76
C GLN A 57 -13.94 12.24 -18.29
N GLN A 58 -15.05 12.77 -18.81
CA GLN A 58 -15.25 12.87 -20.26
C GLN A 58 -14.55 14.11 -20.85
N ARG A 70 -0.95 20.01 -28.05
CA ARG A 70 -0.28 18.98 -28.84
C ARG A 70 1.02 18.48 -28.18
N VAL A 71 1.09 17.17 -27.96
CA VAL A 71 2.25 16.48 -27.39
C VAL A 71 3.38 16.36 -28.45
N THR A 72 4.63 16.24 -27.99
CA THR A 72 5.79 15.92 -28.84
C THR A 72 5.65 14.47 -29.31
N PRO A 73 5.64 14.24 -30.65
CA PRO A 73 5.34 12.92 -31.23
C PRO A 73 6.39 11.83 -31.02
N TRP A 74 5.91 10.60 -30.90
CA TRP A 74 6.74 9.41 -30.85
C TRP A 74 7.17 9.09 -32.28
N PRO A 75 8.48 8.86 -32.50
CA PRO A 75 9.07 8.64 -33.84
C PRO A 75 8.71 7.31 -34.50
N PRO A 80 16.54 4.91 -36.46
CA PRO A 80 17.69 4.31 -35.80
C PRO A 80 17.80 4.74 -34.33
N HIS A 81 18.55 3.98 -33.53
CA HIS A 81 18.79 4.33 -32.13
C HIS A 81 19.89 5.39 -32.03
N SER A 82 19.53 6.57 -31.56
CA SER A 82 20.44 7.72 -31.49
C SER A 82 20.22 8.54 -30.20
N ARG A 83 20.92 9.67 -30.12
CA ARG A 83 20.79 10.63 -29.02
C ARG A 83 19.44 11.36 -29.11
N GLU A 84 19.04 11.70 -30.33
CA GLU A 84 17.79 12.40 -30.61
C GLU A 84 16.56 11.51 -30.40
N ALA A 85 16.73 10.22 -30.68
CA ALA A 85 15.66 9.22 -30.57
C ALA A 85 15.25 8.92 -29.12
N ARG A 86 16.23 8.69 -28.25
CA ARG A 86 15.95 8.37 -26.83
C ARG A 86 15.54 9.60 -26.01
N GLN A 87 15.92 10.79 -26.46
CA GLN A 87 15.52 12.02 -25.80
C GLN A 87 14.08 12.38 -26.09
N GLN A 88 13.65 12.20 -27.35
CA GLN A 88 12.27 12.48 -27.79
C GLN A 88 11.24 11.50 -27.24
N ARG A 89 11.64 10.25 -27.05
CA ARG A 89 10.80 9.21 -26.45
C ARG A 89 10.59 9.45 -24.96
N PHE A 90 11.64 9.94 -24.31
CA PHE A 90 11.58 10.41 -22.93
C PHE A 90 10.75 11.70 -22.82
N ALA A 91 10.85 12.57 -23.83
CA ALA A 91 10.07 13.81 -23.89
C ALA A 91 8.59 13.56 -24.17
N HIS A 92 8.28 12.54 -24.98
CA HIS A 92 6.89 12.17 -25.28
C HIS A 92 6.17 11.61 -24.05
N PHE A 93 6.90 10.78 -23.31
CA PHE A 93 6.38 10.05 -22.17
C PHE A 93 6.15 10.98 -20.98
N THR A 94 7.09 11.90 -20.76
CA THR A 94 6.98 12.88 -19.68
C THR A 94 5.97 14.00 -19.94
N GLU A 95 5.70 14.31 -21.21
CA GLU A 95 4.67 15.31 -21.54
C GLU A 95 3.26 14.72 -21.54
N LEU A 96 3.18 13.39 -21.67
CA LEU A 96 1.94 12.64 -21.44
C LEU A 96 1.60 12.64 -19.96
N ALA A 97 2.62 12.61 -19.11
CA ALA A 97 2.48 12.77 -17.67
C ALA A 97 2.07 14.18 -17.24
N ILE A 98 2.59 15.20 -17.95
CA ILE A 98 2.28 16.63 -17.70
C ILE A 98 0.80 16.91 -18.00
N VAL A 99 0.33 16.40 -19.15
CA VAL A 99 -1.07 16.39 -19.60
C VAL A 99 -2.01 15.72 -18.59
N SER A 100 -1.55 14.57 -18.06
CA SER A 100 -2.25 13.80 -17.03
C SER A 100 -2.42 14.52 -15.68
N VAL A 101 -1.36 15.15 -15.17
CA VAL A 101 -1.37 16.00 -13.94
C VAL A 101 -2.42 17.11 -14.03
N GLN A 102 -2.43 17.81 -15.17
CA GLN A 102 -3.45 18.84 -15.51
C GLN A 102 -4.88 18.30 -15.58
N GLU A 103 -5.03 17.06 -16.05
CA GLU A 103 -6.31 16.36 -16.02
C GLU A 103 -6.66 15.82 -14.62
N ILE A 104 -5.66 15.49 -13.81
CA ILE A 104 -5.86 15.02 -12.42
C ILE A 104 -6.35 16.17 -11.52
N VAL A 105 -5.68 17.33 -11.64
CA VAL A 105 -6.03 18.61 -10.96
C VAL A 105 -7.46 19.05 -11.27
N ASP A 106 -7.81 19.05 -12.56
CA ASP A 106 -9.15 19.37 -13.06
C ASP A 106 -10.23 18.37 -12.62
N PHE A 107 -9.87 17.09 -12.49
CA PHE A 107 -10.79 16.08 -11.96
C PHE A 107 -11.02 16.26 -10.46
N ALA A 108 -9.93 16.58 -9.74
CA ALA A 108 -9.96 16.78 -8.30
C ALA A 108 -10.77 18.00 -7.87
N LYS A 109 -10.77 19.06 -8.69
CA LYS A 109 -11.60 20.26 -8.48
C LYS A 109 -13.11 20.00 -8.56
N GLN A 110 -13.50 19.02 -9.37
CA GLN A 110 -14.90 18.60 -9.52
C GLN A 110 -15.40 17.73 -8.36
N LEU A 111 -14.48 17.11 -7.60
CA LEU A 111 -14.82 16.22 -6.47
C LEU A 111 -15.37 17.02 -5.29
N PRO A 112 -16.58 16.68 -4.80
CA PRO A 112 -17.20 17.29 -3.61
C PRO A 112 -16.34 17.16 -2.35
N GLY A 113 -16.04 18.31 -1.75
CA GLY A 113 -15.22 18.39 -0.55
C GLY A 113 -13.77 18.78 -0.73
N PHE A 114 -13.29 18.74 -1.97
CA PHE A 114 -11.87 18.95 -2.25
C PHE A 114 -11.39 20.39 -2.16
N LEU A 115 -12.16 21.33 -2.72
CA LEU A 115 -11.77 22.74 -2.71
C LEU A 115 -12.12 23.46 -1.39
N GLN A 116 -12.85 22.77 -0.51
CA GLN A 116 -13.21 23.23 0.82
C GLN A 116 -12.10 22.92 1.81
N LEU A 117 -11.28 21.93 1.46
CA LEU A 117 -10.01 21.69 2.13
C LEU A 117 -9.05 22.81 1.75
N SER A 118 -8.06 23.05 2.63
CA SER A 118 -7.02 24.06 2.42
C SER A 118 -6.15 23.72 1.21
N ARG A 119 -5.65 24.78 0.56
CA ARG A 119 -4.81 24.72 -0.64
C ARG A 119 -3.51 23.92 -0.43
N GLU A 120 -2.96 24.03 0.77
CA GLU A 120 -1.89 23.18 1.29
C GLU A 120 -2.25 21.68 1.32
N ASP A 121 -3.43 21.37 1.87
CA ASP A 121 -3.93 19.99 1.90
C ASP A 121 -4.31 19.46 0.53
N GLN A 122 -4.81 20.35 -0.35
CA GLN A 122 -5.05 20.05 -1.77
C GLN A 122 -3.79 19.63 -2.50
N ILE A 123 -2.70 20.37 -2.26
CA ILE A 123 -1.36 20.08 -2.80
C ILE A 123 -0.81 18.76 -2.23
N ALA A 124 -0.92 18.58 -0.90
CA ALA A 124 -0.50 17.37 -0.16
C ALA A 124 -1.15 16.07 -0.64
N LEU A 125 -2.44 16.14 -0.95
CA LEU A 125 -3.17 15.01 -1.49
C LEU A 125 -2.80 14.75 -2.95
N LEU A 126 -2.66 15.80 -3.74
CA LEU A 126 -2.32 15.66 -5.15
C LEU A 126 -0.86 15.31 -5.44
N LYS A 127 0.06 15.62 -4.53
CA LYS A 127 1.50 15.30 -4.68
C LYS A 127 1.79 13.80 -4.66
N THR A 128 1.15 13.10 -3.73
CA THR A 128 1.42 11.68 -3.52
C THR A 128 0.44 10.77 -4.30
N SER A 129 -0.78 11.25 -4.53
CA SER A 129 -1.75 10.43 -5.27
C SER A 129 -1.67 10.49 -6.78
N ALA A 130 -0.92 11.44 -7.34
CA ALA A 130 -0.83 11.68 -8.80
C ALA A 130 -0.41 10.47 -9.61
N ILE A 131 0.63 9.79 -9.10
CA ILE A 131 1.16 8.55 -9.67
C ILE A 131 0.16 7.38 -9.57
N GLU A 132 -0.61 7.36 -8.49
CA GLU A 132 -1.56 6.30 -8.20
C GLU A 132 -2.78 6.41 -9.10
N VAL A 133 -3.18 7.65 -9.37
CA VAL A 133 -4.25 7.94 -10.32
C VAL A 133 -3.78 7.63 -11.75
N MET A 134 -2.55 8.05 -12.07
CA MET A 134 -1.87 7.72 -13.35
C MET A 134 -1.75 6.23 -13.65
N LEU A 135 -1.42 5.44 -12.62
CA LEU A 135 -1.35 3.97 -12.75
C LEU A 135 -2.71 3.30 -12.89
N LEU A 136 -3.73 3.88 -12.25
CA LEU A 136 -5.12 3.42 -12.36
C LEU A 136 -5.67 3.71 -13.76
N GLU A 137 -5.32 4.89 -14.27
CA GLU A 137 -5.68 5.30 -15.63
C GLU A 137 -4.89 4.54 -16.71
N THR A 138 -3.67 4.10 -16.36
CA THR A 138 -2.86 3.20 -17.19
C THR A 138 -3.51 1.81 -17.31
N SER A 139 -3.99 1.27 -16.17
CA SER A 139 -4.61 -0.06 -16.12
C SER A 139 -5.99 -0.15 -16.78
N ARG A 140 -6.65 1.01 -16.88
CA ARG A 140 -7.89 1.21 -17.62
C ARG A 140 -7.69 1.04 -19.13
N ARG A 141 -6.54 1.50 -19.62
CA ARG A 141 -6.24 1.49 -21.05
C ARG A 141 -5.42 0.28 -21.51
N TYR A 142 -5.32 -0.73 -20.64
CA TYR A 142 -4.59 -1.97 -20.91
C TYR A 142 -5.37 -2.86 -21.89
N ASN A 143 -4.69 -3.32 -22.93
CA ASN A 143 -5.24 -4.28 -23.88
C ASN A 143 -4.64 -5.65 -23.57
N PRO A 144 -5.47 -6.63 -23.17
CA PRO A 144 -4.98 -7.96 -22.74
C PRO A 144 -4.45 -8.86 -23.85
N GLY A 145 -4.90 -8.63 -25.09
CA GLY A 145 -4.48 -9.44 -26.22
C GLY A 145 -3.08 -9.14 -26.72
N SER A 146 -2.71 -7.87 -26.71
CA SER A 146 -1.42 -7.43 -27.24
C SER A 146 -0.41 -7.09 -26.14
N GLU A 147 -0.87 -7.16 -24.89
CA GLU A 147 -0.14 -6.76 -23.66
C GLU A 147 0.46 -5.36 -23.71
N SER A 148 -0.39 -4.41 -24.10
CA SER A 148 0.01 -3.04 -24.37
C SER A 148 -1.02 -2.05 -23.87
N ILE A 149 -0.61 -0.80 -23.67
CA ILE A 149 -1.46 0.24 -23.13
C ILE A 149 -1.62 1.38 -24.15
N THR A 150 -2.87 1.74 -24.48
CA THR A 150 -3.17 2.82 -25.41
C THR A 150 -3.29 4.20 -24.74
N PHE A 151 -2.24 5.01 -24.83
CA PHE A 151 -2.32 6.43 -24.45
C PHE A 151 -2.76 7.25 -25.66
N LEU A 152 -3.51 8.33 -25.37
CA LEU A 152 -3.96 9.38 -26.33
C LEU A 152 -4.83 8.89 -27.51
N LYS A 153 -5.63 7.85 -27.22
CA LYS A 153 -6.66 7.23 -28.11
C LYS A 153 -6.21 6.67 -29.48
N ASP A 154 -4.91 6.47 -29.70
CA ASP A 154 -4.38 6.05 -31.00
C ASP A 154 -3.17 5.11 -30.92
N PHE A 155 -2.17 5.49 -30.13
CA PHE A 155 -0.91 4.76 -30.08
C PHE A 155 -0.85 3.81 -28.87
N SER A 156 -0.55 2.54 -29.12
CA SER A 156 -0.38 1.55 -28.06
C SER A 156 1.11 1.34 -27.70
N TYR A 157 1.38 0.97 -26.45
CA TYR A 157 2.75 0.93 -25.91
C TYR A 157 2.96 -0.33 -25.08
N ASN A 158 3.86 -1.21 -25.55
CA ASN A 158 4.21 -2.42 -24.78
C ASN A 158 5.35 -2.21 -23.78
N ARG A 159 5.88 -3.31 -23.23
CA ARG A 159 6.96 -3.29 -22.22
C ARG A 159 8.31 -2.78 -22.75
N GLU A 160 8.59 -3.06 -24.02
CA GLU A 160 9.81 -2.60 -24.65
C GLU A 160 9.71 -1.13 -25.05
N ASP A 161 8.48 -0.66 -25.31
CA ASP A 161 8.19 0.75 -25.57
C ASP A 161 8.37 1.62 -24.32
N PHE A 162 8.08 1.03 -23.16
CA PHE A 162 8.30 1.63 -21.85
C PHE A 162 9.80 1.70 -21.53
N ALA A 163 10.55 0.68 -21.98
CA ALA A 163 12.01 0.62 -21.82
C ALA A 163 12.74 1.62 -22.72
N LYS A 164 12.20 1.81 -23.92
CA LYS A 164 12.70 2.80 -24.89
C LYS A 164 12.41 4.24 -24.47
N ALA A 165 11.38 4.42 -23.64
CA ALA A 165 11.00 5.70 -23.06
C ALA A 165 11.79 6.08 -21.80
N GLY A 166 12.69 5.21 -21.34
CA GLY A 166 13.66 5.56 -20.30
C GLY A 166 13.49 4.86 -18.97
N LEU A 167 12.50 3.98 -18.87
CA LEU A 167 12.17 3.34 -17.61
C LEU A 167 12.95 2.03 -17.39
N GLN A 168 13.30 1.75 -16.14
CA GLN A 168 14.01 0.53 -15.78
C GLN A 168 13.02 -0.63 -15.65
N VAL A 169 13.52 -1.87 -15.74
CA VAL A 169 12.67 -3.06 -15.85
C VAL A 169 11.99 -3.47 -14.53
N GLU A 170 12.54 -3.00 -13.41
CA GLU A 170 11.99 -3.26 -12.08
C GLU A 170 10.81 -2.34 -11.73
N PHE A 171 10.56 -1.32 -12.57
CA PHE A 171 9.32 -0.54 -12.52
C PHE A 171 8.30 -1.10 -13.54
N ILE A 172 8.76 -1.42 -14.75
CA ILE A 172 7.92 -1.84 -15.91
C ILE A 172 7.08 -3.11 -15.71
N ASN A 173 7.74 -4.21 -15.34
CA ASN A 173 7.03 -5.44 -14.95
C ASN A 173 6.03 -5.36 -13.74
N PRO A 174 6.32 -4.55 -12.68
CA PRO A 174 5.18 -4.23 -11.80
C PRO A 174 4.02 -3.34 -12.31
N ILE A 175 4.25 -2.47 -13.31
CA ILE A 175 3.16 -1.69 -13.94
C ILE A 175 2.24 -2.65 -14.70
N PHE A 176 2.85 -3.54 -15.47
CA PHE A 176 2.15 -4.47 -16.36
C PHE A 176 1.45 -5.65 -15.65
N GLU A 177 1.99 -6.10 -14.51
CA GLU A 177 1.37 -7.16 -13.68
C GLU A 177 0.08 -6.66 -13.02
N PHE A 178 0.15 -5.41 -12.53
CA PHE A 178 -0.97 -4.68 -11.94
C PHE A 178 -2.09 -4.40 -12.93
N SER A 179 -1.68 -4.02 -14.14
CA SER A 179 -2.60 -3.70 -15.25
C SER A 179 -3.33 -4.94 -15.76
N ARG A 180 -2.65 -6.08 -15.72
CA ARG A 180 -3.24 -7.37 -16.04
C ARG A 180 -4.20 -7.85 -14.95
N ALA A 181 -3.87 -7.56 -13.69
CA ALA A 181 -4.69 -7.96 -12.55
C ALA A 181 -5.95 -7.09 -12.40
N MET A 182 -5.84 -5.84 -12.85
CA MET A 182 -6.97 -4.90 -12.85
C MET A 182 -7.95 -5.22 -13.97
N ASN A 183 -7.41 -5.73 -15.08
CA ASN A 183 -8.19 -6.12 -16.28
C ASN A 183 -9.09 -7.32 -16.06
N GLU A 184 -8.65 -8.24 -15.18
CA GLU A 184 -9.44 -9.39 -14.74
C GLU A 184 -10.68 -8.99 -13.92
N LEU A 185 -10.60 -7.88 -13.20
CA LEU A 185 -11.71 -7.38 -12.42
C LEU A 185 -12.81 -6.69 -13.24
N GLN A 186 -12.45 -6.19 -14.41
CA GLN A 186 -13.35 -5.56 -15.44
C GLN A 186 -14.17 -4.36 -14.95
N LEU A 187 -13.46 -3.34 -14.48
CA LEU A 187 -14.10 -2.16 -13.87
C LEU A 187 -14.65 -1.24 -14.94
N ASN A 188 -15.83 -0.67 -14.69
CA ASN A 188 -16.35 0.37 -15.58
C ASN A 188 -15.87 1.77 -15.21
N ASP A 189 -16.45 2.77 -15.87
CA ASP A 189 -16.10 4.18 -15.68
C ASP A 189 -16.40 4.71 -14.28
N ALA A 190 -17.51 4.24 -13.70
CA ALA A 190 -17.94 4.68 -12.38
C ALA A 190 -17.14 4.08 -11.24
N GLU A 191 -16.73 2.81 -11.41
CA GLU A 191 -15.86 2.13 -10.45
C GLU A 191 -14.44 2.69 -10.47
N PHE A 192 -13.98 3.09 -11.65
CA PHE A 192 -12.66 3.71 -11.83
C PHE A 192 -12.60 5.12 -11.23
N ALA A 193 -13.65 5.92 -11.45
CA ALA A 193 -13.73 7.29 -10.94
C ALA A 193 -13.86 7.37 -9.42
N LEU A 194 -14.52 6.38 -8.84
CA LEU A 194 -14.64 6.25 -7.40
C LEU A 194 -13.32 5.84 -6.75
N LEU A 195 -12.60 4.90 -7.37
CA LEU A 195 -11.31 4.41 -6.86
C LEU A 195 -10.20 5.44 -6.94
N ILE A 196 -10.28 6.30 -7.96
CA ILE A 196 -9.41 7.47 -8.13
C ILE A 196 -9.65 8.46 -6.98
N ALA A 197 -10.92 8.69 -6.66
CA ALA A 197 -11.34 9.57 -5.57
C ALA A 197 -10.98 9.08 -4.16
N ILE A 198 -11.00 7.77 -3.93
CA ILE A 198 -10.57 7.13 -2.67
C ILE A 198 -9.04 7.27 -2.51
N SER A 199 -8.32 7.15 -3.63
CA SER A 199 -6.86 7.30 -3.68
C SER A 199 -6.38 8.75 -3.43
N ILE A 200 -7.13 9.73 -3.96
CA ILE A 200 -6.87 11.16 -3.77
C ILE A 200 -7.12 11.55 -2.31
N PHE A 201 -8.25 11.10 -1.77
CA PHE A 201 -8.61 11.39 -0.38
C PHE A 201 -8.04 10.39 0.64
N SER A 202 -6.75 10.11 0.60
CA SER A 202 -6.14 9.25 1.60
C SER A 202 -5.63 10.09 2.75
N ALA A 203 -6.03 9.76 3.98
CA ALA A 203 -5.69 10.57 5.16
C ALA A 203 -4.27 10.36 5.70
N ASP A 204 -3.58 9.33 5.20
CA ASP A 204 -2.28 8.93 5.71
C ASP A 204 -1.11 9.38 4.83
N ARG A 205 -1.38 10.28 3.88
CA ARG A 205 -0.33 10.91 3.04
C ARG A 205 0.49 11.86 3.88
N PRO A 206 1.81 12.03 3.55
CA PRO A 206 2.67 13.05 4.18
C PRO A 206 2.14 14.49 4.11
N ASN A 207 2.31 15.21 5.22
CA ASN A 207 1.98 16.64 5.40
C ASN A 207 0.51 17.05 5.27
N VAL A 208 -0.39 16.11 5.53
CA VAL A 208 -1.83 16.38 5.54
C VAL A 208 -2.22 16.90 6.93
N GLN A 209 -2.74 18.13 6.97
CA GLN A 209 -3.17 18.75 8.22
C GLN A 209 -4.49 18.17 8.73
N ASP A 210 -5.57 18.47 8.02
CA ASP A 210 -6.89 18.01 8.41
C ASP A 210 -7.10 16.56 7.97
N GLN A 211 -6.60 15.64 8.78
CA GLN A 211 -6.67 14.20 8.51
C GLN A 211 -8.08 13.65 8.66
N LEU A 212 -8.80 14.17 9.66
CA LEU A 212 -10.15 13.74 10.01
C LEU A 212 -11.19 14.03 8.92
N GLN A 213 -11.07 15.19 8.26
CA GLN A 213 -11.98 15.56 7.18
C GLN A 213 -11.71 14.82 5.87
N VAL A 214 -10.43 14.62 5.55
CA VAL A 214 -9.96 13.82 4.40
C VAL A 214 -10.42 12.35 4.49
N GLU A 215 -10.33 11.78 5.72
CA GLU A 215 -10.85 10.45 6.03
C GLU A 215 -12.39 10.35 5.96
N ARG A 216 -13.07 11.38 6.45
CA ARG A 216 -14.55 11.46 6.41
C ARG A 216 -15.08 11.58 5.00
N LEU A 217 -14.35 12.35 4.17
CA LEU A 217 -14.62 12.46 2.74
C LEU A 217 -14.40 11.15 2.01
N GLN A 218 -13.29 10.44 2.32
CA GLN A 218 -12.93 9.12 1.74
C GLN A 218 -14.01 8.06 1.91
N HIS A 219 -14.56 8.00 3.12
CA HIS A 219 -15.58 7.05 3.51
C HIS A 219 -16.92 7.21 2.78
N THR A 220 -17.25 8.45 2.37
CA THR A 220 -18.45 8.70 1.57
C THR A 220 -18.32 8.14 0.15
N TYR A 221 -17.11 8.17 -0.43
CA TYR A 221 -16.87 7.55 -1.74
C TYR A 221 -16.80 6.03 -1.63
N VAL A 222 -16.31 5.55 -0.48
CA VAL A 222 -16.19 4.13 -0.14
C VAL A 222 -17.59 3.49 -0.01
N GLU A 223 -18.49 4.19 0.71
CA GLU A 223 -19.90 3.83 0.85
C GLU A 223 -20.68 3.89 -0.45
N ALA A 224 -20.33 4.87 -1.30
CA ALA A 224 -20.87 4.98 -2.65
C ALA A 224 -20.39 3.86 -3.55
N LEU A 225 -19.12 3.43 -3.37
CA LEU A 225 -18.56 2.28 -4.09
C LEU A 225 -19.23 0.96 -3.71
N HIS A 226 -19.49 0.76 -2.41
CA HIS A 226 -20.20 -0.41 -1.87
C HIS A 226 -21.62 -0.52 -2.40
N ALA A 227 -22.31 0.61 -2.45
CA ALA A 227 -23.69 0.66 -2.92
C ALA A 227 -23.81 0.52 -4.45
N TYR A 228 -22.78 0.96 -5.17
CA TYR A 228 -22.73 0.82 -6.64
C TYR A 228 -22.48 -0.62 -7.09
N VAL A 229 -21.54 -1.29 -6.42
CA VAL A 229 -21.07 -2.64 -6.77
C VAL A 229 -22.14 -3.70 -6.41
N SER A 230 -22.95 -3.41 -5.40
CA SER A 230 -24.17 -4.18 -5.08
C SER A 230 -25.25 -4.20 -6.18
N ILE A 231 -25.30 -3.14 -6.99
CA ILE A 231 -26.10 -3.10 -8.20
C ILE A 231 -25.36 -3.80 -9.37
N HIS A 232 -24.07 -3.50 -9.51
CA HIS A 232 -23.24 -3.99 -10.64
C HIS A 232 -22.90 -5.49 -10.59
N HIS A 233 -22.55 -5.97 -9.40
CA HIS A 233 -22.33 -7.40 -9.18
C HIS A 233 -23.18 -7.85 -8.01
N PRO A 234 -24.48 -8.15 -8.25
CA PRO A 234 -25.36 -8.47 -7.12
C PRO A 234 -25.23 -9.91 -6.57
N HIS A 235 -24.54 -10.78 -7.29
CA HIS A 235 -24.31 -12.15 -6.83
C HIS A 235 -22.83 -12.42 -6.51
N ASP A 236 -22.04 -11.36 -6.49
CA ASP A 236 -20.64 -11.42 -6.06
C ASP A 236 -20.38 -10.30 -5.05
N ARG A 237 -20.33 -10.66 -3.77
CA ARG A 237 -20.08 -9.71 -2.69
C ARG A 237 -18.60 -9.42 -2.50
N LEU A 238 -17.75 -10.24 -3.11
CA LEU A 238 -16.29 -10.06 -3.07
C LEU A 238 -15.75 -8.96 -3.98
N MET A 239 -16.57 -8.50 -4.92
CA MET A 239 -16.14 -7.53 -5.93
C MET A 239 -15.84 -6.12 -5.39
N PHE A 240 -16.58 -5.71 -4.36
CA PHE A 240 -16.26 -4.47 -3.62
C PHE A 240 -14.94 -4.50 -2.81
N PRO A 241 -14.66 -5.56 -2.00
CA PRO A 241 -13.33 -5.48 -1.40
C PRO A 241 -12.12 -5.82 -2.29
N ARG A 242 -12.34 -6.47 -3.43
CA ARG A 242 -11.29 -6.71 -4.44
C ARG A 242 -10.77 -5.43 -5.09
N MET A 243 -11.67 -4.45 -5.24
CA MET A 243 -11.34 -3.12 -5.71
C MET A 243 -10.54 -2.33 -4.69
N LEU A 244 -10.88 -2.53 -3.41
CA LEU A 244 -10.15 -1.89 -2.30
C LEU A 244 -8.79 -2.53 -2.06
N MET A 245 -8.66 -3.83 -2.36
CA MET A 245 -7.38 -4.56 -2.26
C MET A 245 -6.36 -4.18 -3.35
N LYS A 246 -6.83 -3.50 -4.39
CA LYS A 246 -5.97 -2.98 -5.44
C LYS A 246 -5.32 -1.66 -5.04
N LEU A 247 -5.92 -0.97 -4.06
CA LEU A 247 -5.32 0.26 -3.50
C LEU A 247 -4.14 -0.03 -2.58
N VAL A 248 -4.15 -1.22 -1.98
CA VAL A 248 -3.02 -1.80 -1.24
C VAL A 248 -1.83 -2.01 -2.19
N SER A 249 -2.10 -2.57 -3.37
CA SER A 249 -1.10 -2.83 -4.43
C SER A 249 -0.54 -1.57 -5.07
N LEU A 250 -1.37 -0.53 -5.08
CA LEU A 250 -1.05 0.79 -5.60
C LEU A 250 -0.02 1.56 -4.79
N ARG A 251 0.11 1.28 -3.49
CA ARG A 251 1.11 1.95 -2.65
C ARG A 251 2.50 1.41 -2.86
N THR A 252 2.59 0.10 -3.13
CA THR A 252 3.85 -0.60 -3.41
C THR A 252 4.42 -0.08 -4.74
N LEU A 253 3.54 0.05 -5.74
CA LEU A 253 3.87 0.61 -7.04
C LEU A 253 4.29 2.08 -7.04
N SER A 254 3.70 2.84 -6.12
CA SER A 254 4.08 4.24 -5.86
C SER A 254 5.46 4.34 -5.22
N SER A 255 5.80 3.34 -4.42
CA SER A 255 7.11 3.24 -3.79
C SER A 255 8.16 2.70 -4.76
N VAL A 256 7.72 1.86 -5.71
CA VAL A 256 8.56 1.30 -6.78
C VAL A 256 8.89 2.42 -7.80
N HIS A 257 7.92 3.31 -8.02
CA HIS A 257 8.09 4.57 -8.76
C HIS A 257 9.10 5.55 -8.12
N SER A 258 9.16 5.58 -6.78
CA SER A 258 10.18 6.37 -6.05
C SER A 258 11.61 5.87 -6.28
N GLU A 259 11.76 4.56 -6.46
CA GLU A 259 13.02 3.94 -6.86
C GLU A 259 13.41 4.23 -8.31
N GLN A 260 12.41 4.47 -9.16
CA GLN A 260 12.63 4.86 -10.56
C GLN A 260 13.14 6.31 -10.68
N VAL A 261 12.50 7.22 -9.92
CA VAL A 261 12.83 8.67 -9.86
C VAL A 261 14.25 8.90 -9.28
N PHE A 262 14.60 8.12 -8.27
CA PHE A 262 15.95 8.06 -7.68
C PHE A 262 17.01 7.53 -8.65
N ALA A 263 16.63 6.59 -9.51
CA ALA A 263 17.52 6.03 -10.54
C ALA A 263 17.77 7.00 -11.71
N LEU A 264 16.85 7.94 -11.92
CA LEU A 264 16.98 8.96 -12.96
C LEU A 264 17.99 10.06 -12.60
N ARG A 265 18.22 10.27 -11.30
CA ARG A 265 19.21 11.22 -10.82
C ARG A 265 20.62 10.68 -11.01
N LEU A 266 20.76 9.36 -10.87
CA LEU A 266 22.04 8.65 -11.01
C LEU A 266 22.53 8.56 -12.46
N GLN A 267 21.60 8.57 -13.41
CA GLN A 267 21.96 8.55 -14.83
C GLN A 267 21.74 9.91 -15.51
N ASP A 268 21.47 10.92 -14.68
CA ASP A 268 21.27 12.36 -15.05
C ASP A 268 20.16 12.72 -16.04
N LYS A 269 19.16 11.84 -16.22
CA LYS A 269 18.01 12.11 -17.07
C LYS A 269 17.02 12.96 -16.28
N LYS A 270 17.07 14.27 -16.47
CA LYS A 270 16.30 15.22 -15.66
C LYS A 270 14.82 15.31 -16.06
N LEU A 271 13.97 15.41 -15.04
CA LEU A 271 12.54 15.57 -15.20
C LEU A 271 12.19 17.02 -15.58
N PRO A 272 11.12 17.21 -16.38
CA PRO A 272 10.54 18.55 -16.63
C PRO A 272 9.92 19.14 -15.35
N PRO A 273 10.01 20.48 -15.15
CA PRO A 273 9.56 21.31 -14.02
C PRO A 273 8.34 20.90 -13.17
N LEU A 274 7.24 20.50 -13.81
CA LEU A 274 6.01 20.09 -13.11
C LEU A 274 6.17 18.71 -12.48
N LEU A 275 6.84 17.79 -13.19
CA LEU A 275 7.09 16.45 -12.67
C LEU A 275 8.20 16.44 -11.63
N SER A 276 9.13 17.39 -11.73
CA SER A 276 10.23 17.51 -10.78
C SER A 276 9.79 18.02 -9.41
N GLU A 277 8.82 18.94 -9.38
CA GLU A 277 8.32 19.45 -8.10
C GLU A 277 7.43 18.46 -7.33
N ILE A 278 6.78 17.56 -8.05
CA ILE A 278 5.94 16.55 -7.40
C ILE A 278 6.68 15.25 -7.02
N TRP A 279 7.74 14.90 -7.74
CA TRP A 279 8.38 13.59 -7.56
C TRP A 279 9.81 13.58 -7.02
N ASP A 280 10.60 14.63 -7.28
CA ASP A 280 11.98 14.64 -6.82
C ASP A 280 12.07 15.12 -5.37
N VAL A 281 12.95 14.46 -4.61
CA VAL A 281 13.29 14.88 -3.26
C VAL A 281 14.28 16.03 -3.30
N HIS A 282 13.91 17.16 -2.70
CA HIS A 282 14.75 18.36 -2.67
C HIS A 282 15.52 18.45 -1.36
N SER B 7 6.23 25.78 3.80
CA SER B 7 4.97 25.12 3.37
C SER B 7 5.20 24.25 2.13
N LEU B 8 4.20 23.46 1.76
CA LEU B 8 4.25 22.75 0.48
C LEU B 8 3.90 23.65 -0.70
N THR B 9 3.07 24.67 -0.44
CA THR B 9 2.54 25.62 -1.45
C THR B 9 3.65 26.46 -2.11
N GLU B 10 4.65 26.85 -1.32
CA GLU B 10 5.85 27.54 -1.82
C GLU B 10 6.79 26.65 -2.66
N ARG B 11 6.73 25.33 -2.43
CA ARG B 11 7.57 24.37 -3.15
C ARG B 11 6.88 23.78 -4.37
N HIS B 12 5.61 24.10 -4.54
CA HIS B 12 4.81 23.53 -5.62
C HIS B 12 4.07 24.59 -6.43
N LYS B 13 4.84 25.52 -7.01
CA LYS B 13 4.32 26.72 -7.70
C LYS B 13 3.50 26.47 -8.97
N ILE B 14 3.84 25.41 -9.69
CA ILE B 14 3.14 25.05 -10.92
C ILE B 14 1.81 24.36 -10.58
N LEU B 15 1.87 23.46 -9.59
CA LEU B 15 0.71 22.74 -9.05
C LEU B 15 -0.32 23.66 -8.39
N HIS B 16 0.18 24.68 -7.70
CA HIS B 16 -0.64 25.74 -7.09
C HIS B 16 -1.36 26.58 -8.15
N ARG B 17 -0.65 26.89 -9.24
CA ARG B 17 -1.20 27.70 -10.35
C ARG B 17 -2.24 26.95 -11.17
N LEU B 18 -2.10 25.62 -11.27
CA LEU B 18 -3.11 24.75 -11.88
C LEU B 18 -4.38 24.65 -11.03
N LEU B 19 -4.22 24.69 -9.71
CA LEU B 19 -5.34 24.70 -8.78
C LEU B 19 -6.03 26.08 -8.70
N GLN B 20 -5.30 27.14 -8.99
CA GLN B 20 -5.84 28.50 -8.97
C GLN B 20 -6.68 28.85 -10.20
N GLU B 21 -6.31 28.29 -11.35
CA GLU B 21 -6.92 28.63 -12.64
C GLU B 21 -8.21 27.87 -12.93
N PRO C 40 -24.34 -10.21 4.86
CA PRO C 40 -23.47 -11.38 4.84
C PRO C 40 -23.41 -12.07 6.21
N GLN C 41 -24.06 -13.23 6.32
CA GLN C 41 -24.13 -13.97 7.57
C GLN C 41 -22.91 -14.90 7.74
N LEU C 42 -22.45 -15.02 8.99
CA LEU C 42 -21.31 -15.88 9.33
C LEU C 42 -21.69 -17.36 9.29
N SER C 43 -21.03 -18.10 8.42
CA SER C 43 -21.23 -19.55 8.27
C SER C 43 -20.47 -20.28 9.40
N PRO C 44 -20.90 -21.53 9.76
CA PRO C 44 -20.18 -22.41 10.72
C PRO C 44 -18.70 -22.65 10.45
N GLU C 45 -18.35 -22.85 9.18
CA GLU C 45 -16.97 -23.08 8.77
C GLU C 45 -16.14 -21.80 8.76
N GLN C 46 -16.80 -20.64 8.64
CA GLN C 46 -16.12 -19.37 8.88
C GLN C 46 -15.89 -19.14 10.38
N LEU C 47 -16.87 -19.54 11.19
CA LEU C 47 -16.83 -19.40 12.65
C LEU C 47 -15.73 -20.22 13.33
N GLY C 48 -15.59 -21.48 12.90
CA GLY C 48 -14.59 -22.39 13.43
C GLY C 48 -13.17 -22.07 13.00
N MET C 49 -13.05 -21.44 11.82
CA MET C 49 -11.77 -20.96 11.30
C MET C 49 -11.27 -19.74 12.07
N ILE C 50 -12.19 -18.80 12.36
CA ILE C 50 -11.93 -17.58 13.13
C ILE C 50 -11.43 -17.90 14.55
N GLU C 51 -12.09 -18.86 15.19
CA GLU C 51 -11.74 -19.29 16.55
C GLU C 51 -10.46 -20.11 16.64
N LYS C 52 -10.09 -20.76 15.54
CA LYS C 52 -8.81 -21.46 15.42
C LYS C 52 -7.67 -20.45 15.32
N LEU C 53 -7.93 -19.34 14.62
CA LEU C 53 -6.97 -18.24 14.46
C LEU C 53 -6.75 -17.43 15.75
N VAL C 54 -7.80 -17.30 16.57
CA VAL C 54 -7.70 -16.66 17.90
C VAL C 54 -6.87 -17.54 18.84
N ALA C 55 -7.19 -18.84 18.87
CA ALA C 55 -6.49 -19.84 19.70
C ALA C 55 -5.04 -20.15 19.30
N ALA C 56 -4.68 -19.85 18.05
CA ALA C 56 -3.29 -19.95 17.60
C ALA C 56 -2.42 -18.79 18.11
N GLN C 57 -3.06 -17.66 18.42
CA GLN C 57 -2.37 -16.47 18.94
C GLN C 57 -2.32 -16.37 20.47
N GLN C 58 -3.11 -17.17 21.17
CA GLN C 58 -3.14 -17.13 22.64
C GLN C 58 -1.97 -17.91 23.25
N ARG C 70 14.56 -16.10 27.08
CA ARG C 70 15.65 -15.22 27.47
C ARG C 70 16.04 -14.24 26.36
N VAL C 71 16.07 -12.96 26.72
CA VAL C 71 16.50 -11.88 25.83
C VAL C 71 17.65 -11.08 26.44
N THR C 72 18.21 -10.16 25.66
CA THR C 72 19.21 -9.19 26.14
C THR C 72 18.46 -8.16 27.01
N PRO C 73 18.96 -7.90 28.24
CA PRO C 73 18.39 -6.91 29.16
C PRO C 73 18.46 -5.46 28.67
N TRP C 74 17.43 -4.69 28.99
CA TRP C 74 17.35 -3.27 28.67
C TRP C 74 18.11 -2.46 29.73
N PRO C 75 19.18 -1.76 29.32
CA PRO C 75 19.99 -1.01 30.28
C PRO C 75 19.36 0.34 30.66
N SER C 82 26.86 5.95 26.55
CA SER C 82 28.03 5.23 26.02
C SER C 82 27.72 4.58 24.67
N ARG C 83 28.78 4.17 23.99
CA ARG C 83 28.65 3.52 22.68
C ARG C 83 28.28 2.04 22.81
N GLU C 84 28.62 1.44 23.95
CA GLU C 84 28.34 0.02 24.22
C GLU C 84 26.86 -0.23 24.52
N ALA C 85 26.24 0.69 25.27
CA ALA C 85 24.81 0.61 25.62
C ALA C 85 23.88 0.92 24.44
N ARG C 86 24.39 1.69 23.48
CA ARG C 86 23.76 1.97 22.19
C ARG C 86 23.64 0.70 21.33
N GLN C 87 24.67 -0.14 21.39
CA GLN C 87 24.68 -1.43 20.70
C GLN C 87 23.79 -2.47 21.39
N GLN C 88 23.70 -2.41 22.72
CA GLN C 88 22.92 -3.37 23.51
C GLN C 88 21.40 -3.14 23.43
N ARG C 89 21.00 -1.87 23.26
CA ARG C 89 19.60 -1.50 23.06
C ARG C 89 19.11 -1.91 21.66
N PHE C 90 20.02 -1.86 20.70
CA PHE C 90 19.79 -2.36 19.34
C PHE C 90 19.73 -3.88 19.31
N ALA C 91 20.54 -4.52 20.17
CA ALA C 91 20.58 -5.99 20.29
C ALA C 91 19.32 -6.56 20.94
N HIS C 92 18.77 -5.83 21.90
CA HIS C 92 17.53 -6.20 22.59
C HIS C 92 16.34 -6.09 21.66
N PHE C 93 16.34 -5.04 20.85
CA PHE C 93 15.24 -4.72 19.94
C PHE C 93 15.18 -5.67 18.75
N THR C 94 16.35 -6.07 18.26
CA THR C 94 16.44 -7.03 17.16
C THR C 94 16.12 -8.45 17.59
N GLU C 95 16.38 -8.77 18.86
CA GLU C 95 16.02 -10.08 19.43
C GLU C 95 14.52 -10.21 19.74
N LEU C 96 13.85 -9.07 19.91
CA LEU C 96 12.40 -9.02 19.99
C LEU C 96 11.77 -9.30 18.63
N ALA C 97 12.45 -8.86 17.57
CA ALA C 97 12.04 -9.13 16.21
C ALA C 97 12.28 -10.57 15.76
N ILE C 98 13.34 -11.21 16.29
CA ILE C 98 13.67 -12.62 16.05
C ILE C 98 12.57 -13.54 16.62
N VAL C 99 12.15 -13.21 17.85
CA VAL C 99 11.04 -13.86 18.60
C VAL C 99 9.71 -13.75 17.84
N SER C 100 9.48 -12.55 17.26
CA SER C 100 8.30 -12.24 16.44
C SER C 100 8.17 -13.09 15.18
N VAL C 101 9.27 -13.21 14.40
CA VAL C 101 9.38 -14.06 13.19
C VAL C 101 9.02 -15.53 13.48
N GLN C 102 9.56 -16.06 14.58
CA GLN C 102 9.24 -17.40 15.12
C GLN C 102 7.76 -17.59 15.46
N GLU C 103 7.13 -16.53 16.00
CA GLU C 103 5.70 -16.54 16.28
C GLU C 103 4.85 -16.26 15.04
N ILE C 104 5.41 -15.56 14.05
CA ILE C 104 4.73 -15.29 12.76
C ILE C 104 4.62 -16.60 11.95
N VAL C 105 5.75 -17.31 11.83
CA VAL C 105 5.89 -18.64 11.20
C VAL C 105 4.94 -19.69 11.81
N ASP C 106 4.92 -19.75 13.15
CA ASP C 106 4.04 -20.64 13.91
C ASP C 106 2.55 -20.33 13.75
N PHE C 107 2.22 -19.04 13.63
CA PHE C 107 0.84 -18.63 13.35
C PHE C 107 0.42 -18.96 11.92
N ALA C 108 1.33 -18.71 10.98
CA ALA C 108 1.10 -18.92 9.54
C ALA C 108 0.89 -20.38 9.18
N LYS C 109 1.61 -21.28 9.85
CA LYS C 109 1.47 -22.76 9.69
C LYS C 109 0.12 -23.36 10.14
N GLN C 110 -0.67 -22.60 10.89
CA GLN C 110 -2.00 -23.03 11.33
C GLN C 110 -3.13 -22.39 10.52
N LEU C 111 -2.80 -21.46 9.61
CA LEU C 111 -3.79 -20.89 8.68
C LEU C 111 -4.13 -21.91 7.60
N PRO C 112 -5.44 -22.19 7.36
CA PRO C 112 -5.90 -23.05 6.27
C PRO C 112 -5.44 -22.62 4.87
N GLY C 113 -4.83 -23.57 4.16
CA GLY C 113 -4.31 -23.35 2.83
C GLY C 113 -2.85 -22.93 2.72
N PHE C 114 -2.22 -22.63 3.86
CA PHE C 114 -0.85 -22.10 3.86
C PHE C 114 0.22 -23.16 3.57
N LEU C 115 0.11 -24.32 4.21
CA LEU C 115 1.09 -25.40 4.02
C LEU C 115 0.86 -26.27 2.78
N GLN C 116 -0.22 -25.99 2.05
CA GLN C 116 -0.60 -26.67 0.82
C GLN C 116 -0.01 -25.91 -0.36
N LEU C 117 0.35 -24.66 -0.11
CA LEU C 117 1.22 -23.88 -1.01
C LEU C 117 2.63 -24.44 -0.93
N SER C 118 3.42 -24.17 -1.97
CA SER C 118 4.83 -24.55 -1.99
C SER C 118 5.62 -23.76 -0.95
N ARG C 119 6.67 -24.40 -0.43
CA ARG C 119 7.58 -23.84 0.57
C ARG C 119 8.29 -22.56 0.09
N GLU C 120 8.59 -22.53 -1.21
CA GLU C 120 9.03 -21.35 -1.94
C GLU C 120 8.03 -20.19 -1.89
N ASP C 121 6.75 -20.49 -2.14
CA ASP C 121 5.66 -19.50 -2.01
C ASP C 121 5.41 -19.08 -0.56
N GLN C 122 5.56 -20.03 0.38
CA GLN C 122 5.48 -19.78 1.83
C GLN C 122 6.55 -18.83 2.32
N ILE C 123 7.77 -19.01 1.82
CA ILE C 123 8.90 -18.11 2.09
C ILE C 123 8.67 -16.74 1.45
N ALA C 124 8.21 -16.72 0.18
CA ALA C 124 7.82 -15.50 -0.56
C ALA C 124 6.75 -14.63 0.11
N LEU C 125 5.76 -15.29 0.71
CA LEU C 125 4.73 -14.61 1.48
C LEU C 125 5.24 -14.09 2.80
N LEU C 126 6.00 -14.91 3.52
CA LEU C 126 6.47 -14.53 4.86
C LEU C 126 7.60 -13.51 4.91
N LYS C 127 8.44 -13.44 3.87
CA LYS C 127 9.57 -12.48 3.76
C LYS C 127 9.11 -11.02 3.73
N THR C 128 8.03 -10.76 3.01
CA THR C 128 7.56 -9.39 2.78
C THR C 128 6.44 -8.97 3.75
N SER C 129 5.71 -9.96 4.28
CA SER C 129 4.61 -9.65 5.19
C SER C 129 4.99 -9.57 6.65
N ALA C 130 6.20 -10.04 7.02
CA ALA C 130 6.67 -10.14 8.42
C ALA C 130 6.66 -8.83 9.15
N ILE C 131 7.15 -7.79 8.48
CA ILE C 131 7.15 -6.41 8.97
C ILE C 131 5.73 -5.86 9.14
N GLU C 132 4.82 -6.23 8.23
CA GLU C 132 3.44 -5.78 8.26
C GLU C 132 2.65 -6.41 9.40
N VAL C 133 2.95 -7.68 9.70
CA VAL C 133 2.37 -8.39 10.84
C VAL C 133 2.91 -7.81 12.16
N MET C 134 4.23 -7.55 12.18
CA MET C 134 4.92 -6.86 13.29
C MET C 134 4.37 -5.47 13.61
N LEU C 135 4.05 -4.71 12.57
CA LEU C 135 3.44 -3.39 12.70
C LEU C 135 1.96 -3.45 13.12
N LEU C 136 1.28 -4.53 12.73
CA LEU C 136 -0.09 -4.82 13.20
C LEU C 136 -0.07 -5.23 14.67
N GLU C 137 0.97 -5.99 15.06
CA GLU C 137 1.13 -6.41 16.45
C GLU C 137 1.64 -5.29 17.36
N THR C 138 2.38 -4.33 16.78
CA THR C 138 2.81 -3.11 17.48
C THR C 138 1.60 -2.21 17.81
N SER C 139 0.69 -2.09 16.85
CA SER C 139 -0.54 -1.31 17.02
C SER C 139 -1.57 -1.93 17.99
N ARG C 140 -1.49 -3.25 18.16
CA ARG C 140 -2.26 -4.02 19.13
C ARG C 140 -1.82 -3.73 20.57
N ARG C 141 -0.53 -3.50 20.75
CA ARG C 141 0.05 -3.26 22.06
C ARG C 141 0.28 -1.77 22.38
N TYR C 142 -0.40 -0.92 21.61
CA TYR C 142 -0.33 0.54 21.77
C TYR C 142 -1.13 1.00 22.98
N ASN C 143 -0.53 1.89 23.76
CA ASN C 143 -1.21 2.53 24.88
C ASN C 143 -1.47 4.00 24.54
N PRO C 144 -2.76 4.38 24.43
CA PRO C 144 -3.18 5.76 24.11
C PRO C 144 -2.84 6.79 25.18
N GLY C 145 -2.86 6.37 26.45
CA GLY C 145 -2.57 7.25 27.58
C GLY C 145 -1.10 7.58 27.74
N SER C 146 -0.26 6.55 27.74
CA SER C 146 1.16 6.72 28.05
C SER C 146 2.06 6.93 26.82
N GLU C 147 1.42 6.97 25.64
CA GLU C 147 2.04 7.13 24.31
C GLU C 147 3.14 6.10 23.96
N SER C 148 2.93 4.86 24.37
CA SER C 148 3.96 3.83 24.33
C SER C 148 3.49 2.47 23.83
N ILE C 149 4.45 1.58 23.56
CA ILE C 149 4.18 0.20 23.15
C ILE C 149 4.73 -0.79 24.19
N THR C 150 3.92 -1.77 24.58
CA THR C 150 4.33 -2.79 25.53
C THR C 150 4.75 -4.11 24.84
N PHE C 151 6.05 -4.39 24.81
CA PHE C 151 6.55 -5.69 24.37
C PHE C 151 6.84 -6.58 25.58
N LEU C 152 6.47 -7.85 25.45
CA LEU C 152 6.63 -8.93 26.48
C LEU C 152 5.98 -8.68 27.85
N LYS C 153 4.78 -8.07 27.81
CA LYS C 153 3.82 -7.96 28.93
C LYS C 153 4.23 -7.20 30.21
N ASP C 154 5.28 -6.38 30.12
CA ASP C 154 5.78 -5.65 31.28
C ASP C 154 6.28 -4.25 30.93
N PHE C 155 7.26 -4.19 30.03
CA PHE C 155 7.99 -2.95 29.76
C PHE C 155 7.40 -2.14 28.62
N SER C 156 7.20 -0.84 28.88
CA SER C 156 6.65 0.11 27.91
C SER C 156 7.77 0.83 27.15
N TYR C 157 7.49 1.16 25.89
CA TYR C 157 8.50 1.73 24.99
C TYR C 157 7.89 2.90 24.22
N ASN C 158 8.32 4.12 24.53
CA ASN C 158 7.85 5.31 23.80
C ASN C 158 8.68 5.64 22.55
N ARG C 159 8.54 6.86 22.04
CA ARG C 159 9.25 7.31 20.83
C ARG C 159 10.76 7.51 21.04
N GLU C 160 11.15 7.92 22.24
CA GLU C 160 12.57 8.11 22.57
C GLU C 160 13.27 6.77 22.84
N ASP C 161 12.50 5.80 23.33
CA ASP C 161 12.97 4.42 23.54
C ASP C 161 13.25 3.70 22.22
N PHE C 162 12.45 4.02 21.20
CA PHE C 162 12.63 3.56 19.83
C PHE C 162 13.86 4.23 19.18
N ALA C 163 14.13 5.48 19.58
CA ALA C 163 15.30 6.25 19.11
C ALA C 163 16.60 5.75 19.73
N LYS C 164 16.53 5.35 21.00
CA LYS C 164 17.68 4.77 21.72
C LYS C 164 17.98 3.34 21.28
N ALA C 165 16.97 2.67 20.71
CA ALA C 165 17.12 1.37 20.06
C ALA C 165 17.74 1.42 18.66
N GLY C 166 17.91 2.61 18.09
CA GLY C 166 18.68 2.79 16.86
C GLY C 166 17.85 3.08 15.61
N LEU C 167 16.60 3.48 15.80
CA LEU C 167 15.73 3.80 14.67
C LEU C 167 15.73 5.29 14.34
N GLN C 168 15.58 5.60 13.05
CA GLN C 168 15.49 6.98 12.57
C GLN C 168 14.13 7.59 12.88
N VAL C 169 14.08 8.93 12.91
CA VAL C 169 12.85 9.72 13.15
C VAL C 169 11.82 9.56 12.02
N GLU C 170 12.34 9.34 10.80
CA GLU C 170 11.56 9.06 9.59
C GLU C 170 10.81 7.72 9.61
N PHE C 171 11.25 6.79 10.46
CA PHE C 171 10.57 5.52 10.68
C PHE C 171 9.62 5.60 11.87
N ILE C 172 10.09 6.17 12.99
CA ILE C 172 9.40 6.20 14.31
C ILE C 172 8.05 6.94 14.32
N ASN C 173 8.04 8.15 13.78
CA ASN C 173 6.78 8.92 13.62
C ASN C 173 5.67 8.30 12.72
N PRO C 174 5.99 7.62 11.58
CA PRO C 174 4.88 6.84 11.00
C PRO C 174 4.45 5.51 11.68
N ILE C 175 5.26 4.96 12.60
CA ILE C 175 4.84 3.78 13.40
C ILE C 175 3.75 4.22 14.39
N PHE C 176 4.06 5.28 15.13
CA PHE C 176 3.19 5.81 16.19
C PHE C 176 1.92 6.51 15.68
N GLU C 177 1.96 7.04 14.46
CA GLU C 177 0.77 7.62 13.81
C GLU C 177 -0.22 6.53 13.38
N PHE C 178 0.30 5.44 12.80
CA PHE C 178 -0.46 4.25 12.40
C PHE C 178 -1.09 3.53 13.60
N SER C 179 -0.32 3.45 14.69
CA SER C 179 -0.73 2.76 15.92
C SER C 179 -1.83 3.51 16.66
N ARG C 180 -1.79 4.84 16.59
CA ARG C 180 -2.82 5.70 17.17
C ARG C 180 -4.10 5.65 16.33
N ALA C 181 -3.94 5.52 15.02
CA ALA C 181 -5.07 5.44 14.09
C ALA C 181 -5.75 4.07 14.12
N MET C 182 -4.99 3.04 14.47
CA MET C 182 -5.51 1.70 14.70
C MET C 182 -6.20 1.53 16.05
N ASN C 183 -5.77 2.33 17.03
CA ASN C 183 -6.31 2.29 18.40
C ASN C 183 -7.71 2.89 18.46
N GLU C 184 -7.93 3.89 17.60
CA GLU C 184 -9.22 4.56 17.41
C GLU C 184 -10.30 3.62 16.83
N LEU C 185 -9.86 2.63 16.05
CA LEU C 185 -10.77 1.64 15.46
C LEU C 185 -11.17 0.53 16.44
N GLN C 186 -10.40 0.35 17.52
CA GLN C 186 -10.67 -0.56 18.68
C GLN C 186 -10.88 -2.04 18.34
N LEU C 187 -9.87 -2.65 17.73
CA LEU C 187 -10.00 -3.98 17.14
C LEU C 187 -9.96 -5.15 18.12
N ASN C 188 -10.70 -6.20 17.78
CA ASN C 188 -10.74 -7.48 18.50
C ASN C 188 -9.47 -8.30 18.34
N ASP C 189 -9.43 -9.44 19.03
CA ASP C 189 -8.45 -10.48 18.77
C ASP C 189 -8.70 -11.12 17.42
N ALA C 190 -9.98 -11.33 17.10
CA ALA C 190 -10.41 -11.96 15.86
C ALA C 190 -10.20 -11.07 14.64
N GLU C 191 -10.42 -9.76 14.82
CA GLU C 191 -10.21 -8.78 13.75
C GLU C 191 -8.73 -8.53 13.47
N PHE C 192 -7.91 -8.62 14.51
CA PHE C 192 -6.44 -8.55 14.35
C PHE C 192 -5.85 -9.77 13.64
N ALA C 193 -6.27 -10.97 14.05
CA ALA C 193 -5.79 -12.24 13.47
C ALA C 193 -6.21 -12.45 12.02
N LEU C 194 -7.39 -11.94 11.66
CA LEU C 194 -7.86 -11.96 10.29
C LEU C 194 -7.10 -10.99 9.38
N LEU C 195 -6.80 -9.79 9.88
CA LEU C 195 -6.03 -8.78 9.13
C LEU C 195 -4.58 -9.18 8.89
N ILE C 196 -4.01 -9.90 9.87
CA ILE C 196 -2.70 -10.53 9.78
C ILE C 196 -2.68 -11.59 8.66
N ALA C 197 -3.74 -12.42 8.63
CA ALA C 197 -3.94 -13.44 7.60
C ALA C 197 -4.13 -12.92 6.16
N ILE C 198 -4.86 -11.80 6.01
CA ILE C 198 -5.06 -11.10 4.73
C ILE C 198 -3.73 -10.52 4.20
N SER C 199 -2.95 -9.95 5.11
CA SER C 199 -1.61 -9.40 4.83
C SER C 199 -0.56 -10.45 4.45
N ILE C 200 -0.63 -11.62 5.09
CA ILE C 200 0.23 -12.77 4.78
C ILE C 200 -0.13 -13.31 3.38
N PHE C 201 -1.42 -13.42 3.12
CA PHE C 201 -1.91 -13.94 1.85
C PHE C 201 -2.07 -12.90 0.73
N SER C 202 -1.11 -12.01 0.55
CA SER C 202 -1.19 -11.03 -0.53
C SER C 202 -0.59 -11.63 -1.82
N ALA C 203 -1.34 -11.56 -2.92
CA ALA C 203 -0.90 -12.15 -4.19
C ALA C 203 0.14 -11.31 -4.95
N ASP C 204 0.28 -10.06 -4.56
CA ASP C 204 1.12 -9.08 -5.25
C ASP C 204 2.50 -8.89 -4.62
N ARG C 205 2.89 -9.80 -3.71
CA ARG C 205 4.25 -9.85 -3.16
C ARG C 205 5.23 -10.31 -4.25
N PRO C 206 6.51 -9.85 -4.20
CA PRO C 206 7.55 -10.39 -5.09
C PRO C 206 7.77 -11.91 -4.98
N ASN C 207 8.03 -12.52 -6.14
CA ASN C 207 8.35 -13.95 -6.32
C ASN C 207 7.27 -14.97 -5.89
N VAL C 208 6.00 -14.61 -6.07
CA VAL C 208 4.90 -15.52 -5.80
C VAL C 208 4.50 -16.26 -7.08
N GLN C 209 4.64 -17.59 -7.06
CA GLN C 209 4.30 -18.44 -8.20
C GLN C 209 2.80 -18.60 -8.36
N ASP C 210 2.16 -19.27 -7.40
CA ASP C 210 0.73 -19.51 -7.46
C ASP C 210 -0.01 -18.28 -6.94
N GLN C 211 -0.16 -17.28 -7.80
CA GLN C 211 -0.79 -16.01 -7.47
C GLN C 211 -2.30 -16.16 -7.31
N LEU C 212 -2.88 -17.04 -8.13
CA LEU C 212 -4.31 -17.30 -8.18
C LEU C 212 -4.85 -17.95 -6.90
N GLN C 213 -4.10 -18.89 -6.33
CA GLN C 213 -4.52 -19.58 -5.11
C GLN C 213 -4.36 -18.74 -3.84
N VAL C 214 -3.27 -17.96 -3.78
CA VAL C 214 -2.98 -17.00 -2.70
C VAL C 214 -4.07 -15.90 -2.63
N GLU C 215 -4.47 -15.39 -3.80
CA GLU C 215 -5.60 -14.47 -3.93
C GLU C 215 -6.96 -15.08 -3.57
N ARG C 216 -7.17 -16.34 -3.96
CA ARG C 216 -8.38 -17.10 -3.61
C ARG C 216 -8.49 -17.40 -2.12
N LEU C 217 -7.32 -17.66 -1.50
CA LEU C 217 -7.24 -17.87 -0.06
C LEU C 217 -7.48 -16.59 0.73
N GLN C 218 -6.95 -15.46 0.22
CA GLN C 218 -7.12 -14.12 0.83
C GLN C 218 -8.56 -13.67 0.94
N HIS C 219 -9.33 -13.95 -0.12
CA HIS C 219 -10.74 -13.59 -0.22
C HIS C 219 -11.65 -14.35 0.76
N THR C 220 -11.22 -15.55 1.17
CA THR C 220 -11.93 -16.30 2.21
C THR C 220 -11.74 -15.70 3.60
N TYR C 221 -10.60 -15.04 3.85
CA TYR C 221 -10.41 -14.34 5.14
C TYR C 221 -11.00 -12.94 5.08
N VAL C 222 -11.10 -12.40 3.87
CA VAL C 222 -11.70 -11.08 3.62
C VAL C 222 -13.22 -11.14 3.87
N GLU C 223 -13.87 -12.19 3.35
CA GLU C 223 -15.31 -12.33 3.57
C GLU C 223 -15.67 -12.92 4.93
N ALA C 224 -14.71 -13.58 5.59
CA ALA C 224 -14.86 -13.97 6.99
C ALA C 224 -14.80 -12.77 7.91
N LEU C 225 -13.97 -11.79 7.55
CA LEU C 225 -13.86 -10.51 8.25
C LEU C 225 -15.14 -9.70 8.13
N HIS C 226 -15.69 -9.63 6.91
CA HIS C 226 -16.96 -8.92 6.59
C HIS C 226 -18.17 -9.49 7.32
N ALA C 227 -18.24 -10.81 7.42
CA ALA C 227 -19.30 -11.48 8.14
C ALA C 227 -19.17 -11.35 9.67
N TYR C 228 -17.92 -11.30 10.17
CA TYR C 228 -17.64 -11.07 11.60
C TYR C 228 -17.94 -9.64 12.05
N VAL C 229 -17.57 -8.65 11.23
CA VAL C 229 -17.71 -7.21 11.55
C VAL C 229 -19.20 -6.78 11.50
N SER C 230 -19.98 -7.49 10.68
CA SER C 230 -21.46 -7.40 10.70
C SER C 230 -22.13 -7.87 12.01
N ILE C 231 -21.46 -8.75 12.75
CA ILE C 231 -21.87 -9.13 14.10
C ILE C 231 -21.31 -8.12 15.14
N HIS C 232 -20.02 -7.80 15.02
CA HIS C 232 -19.32 -6.91 15.98
C HIS C 232 -19.74 -5.43 15.92
N HIS C 233 -19.91 -4.89 14.71
CA HIS C 233 -20.47 -3.55 14.53
C HIS C 233 -21.67 -3.64 13.57
N PRO C 234 -22.87 -3.96 14.10
CA PRO C 234 -24.03 -4.15 13.21
C PRO C 234 -24.71 -2.85 12.73
N HIS C 235 -24.36 -1.72 13.34
CA HIS C 235 -24.92 -0.42 12.98
C HIS C 235 -23.90 0.47 12.27
N ASP C 236 -22.71 -0.06 12.03
CA ASP C 236 -21.65 0.63 11.33
C ASP C 236 -21.12 -0.25 10.20
N ARG C 237 -21.55 0.05 8.97
CA ARG C 237 -21.11 -0.70 7.77
C ARG C 237 -19.76 -0.24 7.24
N LEU C 238 -19.28 0.88 7.76
CA LEU C 238 -17.98 1.43 7.39
C LEU C 238 -16.79 0.79 8.10
N MET C 239 -17.05 -0.01 9.14
CA MET C 239 -15.98 -0.59 9.99
C MET C 239 -15.18 -1.69 9.29
N PHE C 240 -15.83 -2.48 8.45
CA PHE C 240 -15.12 -3.44 7.57
C PHE C 240 -14.18 -2.82 6.51
N PRO C 241 -14.62 -1.80 5.72
CA PRO C 241 -13.59 -1.23 4.86
C PRO C 241 -12.51 -0.36 5.51
N ARG C 242 -12.78 0.20 6.70
CA ARG C 242 -11.78 0.93 7.50
C ARG C 242 -10.57 0.09 7.92
N MET C 243 -10.85 -1.17 8.27
CA MET C 243 -9.83 -2.18 8.60
C MET C 243 -9.04 -2.58 7.36
N LEU C 244 -9.72 -2.65 6.21
CA LEU C 244 -9.07 -2.96 4.94
C LEU C 244 -8.23 -1.81 4.42
N MET C 245 -8.66 -0.57 4.72
CA MET C 245 -7.90 0.65 4.38
C MET C 245 -6.64 0.85 5.23
N LYS C 246 -6.49 0.10 6.32
CA LYS C 246 -5.26 0.11 7.11
C LYS C 246 -4.18 -0.78 6.53
N LEU C 247 -4.57 -1.71 5.65
CA LEU C 247 -3.61 -2.54 4.91
C LEU C 247 -2.95 -1.77 3.76
N VAL C 248 -3.64 -0.74 3.28
CA VAL C 248 -3.12 0.26 2.35
C VAL C 248 -1.96 1.04 3.02
N SER C 249 -2.19 1.46 4.27
CA SER C 249 -1.21 2.22 5.06
C SER C 249 0.00 1.38 5.52
N LEU C 250 -0.19 0.07 5.61
CA LEU C 250 0.89 -0.87 5.93
C LEU C 250 1.97 -0.99 4.88
N ARG C 251 1.60 -0.81 3.61
CA ARG C 251 2.55 -0.91 2.49
C ARG C 251 3.50 0.27 2.39
N THR C 252 3.01 1.44 2.80
CA THR C 252 3.81 2.66 2.87
C THR C 252 4.79 2.52 4.03
N LEU C 253 4.30 1.98 5.15
CA LEU C 253 5.09 1.66 6.33
C LEU C 253 6.16 0.60 6.15
N SER C 254 5.87 -0.38 5.29
CA SER C 254 6.84 -1.40 4.89
C SER C 254 7.94 -0.82 4.01
N SER C 255 7.54 0.13 3.16
CA SER C 255 8.45 0.86 2.28
C SER C 255 9.34 1.85 3.06
N VAL C 256 8.78 2.42 4.14
CA VAL C 256 9.50 3.31 5.06
C VAL C 256 10.53 2.51 5.88
N HIS C 257 10.16 1.28 6.23
CA HIS C 257 11.04 0.30 6.87
C HIS C 257 12.23 -0.17 5.98
N SER C 258 12.00 -0.23 4.67
CA SER C 258 13.06 -0.52 3.67
C SER C 258 14.16 0.56 3.61
N GLU C 259 13.75 1.81 3.83
CA GLU C 259 14.67 2.95 3.94
C GLU C 259 15.44 2.94 5.27
N GLN C 260 14.85 2.37 6.31
CA GLN C 260 15.49 2.19 7.62
C GLN C 260 16.60 1.12 7.58
N VAL C 261 16.31 0.00 6.92
CA VAL C 261 17.26 -1.13 6.70
C VAL C 261 18.46 -0.69 5.82
N PHE C 262 18.17 0.12 4.81
CA PHE C 262 19.17 0.76 3.95
C PHE C 262 20.05 1.78 4.69
N ALA C 263 19.47 2.47 5.67
CA ALA C 263 20.21 3.42 6.52
C ALA C 263 21.14 2.76 7.54
N LEU C 264 20.87 1.49 7.88
CA LEU C 264 21.72 0.72 8.79
C LEU C 264 23.02 0.25 8.15
N ARG C 265 23.01 0.13 6.82
CA ARG C 265 24.22 -0.13 6.04
C ARG C 265 25.13 1.10 5.99
N LEU C 266 24.54 2.28 5.99
CA LEU C 266 25.27 3.56 5.93
C LEU C 266 25.91 3.95 7.27
N GLN C 267 25.41 3.39 8.38
CA GLN C 267 26.00 3.61 9.70
C GLN C 267 26.67 2.34 10.25
N ASP C 268 26.79 1.34 9.38
CA ASP C 268 27.42 0.01 9.63
C ASP C 268 26.80 -0.89 10.73
N LYS C 269 25.57 -0.61 11.14
CA LYS C 269 24.90 -1.46 12.14
C LYS C 269 24.32 -2.69 11.46
N LYS C 270 24.91 -3.84 11.78
CA LYS C 270 24.58 -5.09 11.12
C LYS C 270 23.37 -5.77 11.75
N LEU C 271 22.50 -6.31 10.89
CA LEU C 271 21.38 -7.12 11.32
C LEU C 271 21.87 -8.51 11.75
N PRO C 272 21.18 -9.14 12.72
CA PRO C 272 21.34 -10.57 13.01
C PRO C 272 20.83 -11.42 11.83
N PRO C 273 21.45 -12.62 11.57
CA PRO C 273 21.21 -13.48 10.40
C PRO C 273 19.77 -13.87 9.98
N LEU C 274 18.85 -13.97 10.93
CA LEU C 274 17.43 -14.23 10.61
C LEU C 274 16.77 -12.96 10.04
N LEU C 275 17.09 -11.82 10.65
CA LEU C 275 16.58 -10.54 10.21
C LEU C 275 17.25 -10.06 8.94
N SER C 276 18.52 -10.44 8.74
CA SER C 276 19.26 -10.06 7.56
C SER C 276 18.85 -10.82 6.30
N GLU C 277 18.41 -12.07 6.45
CA GLU C 277 17.98 -12.85 5.28
C GLU C 277 16.61 -12.43 4.77
N ILE C 278 15.75 -11.91 5.66
CA ILE C 278 14.44 -11.44 5.25
C ILE C 278 14.41 -9.95 4.82
N TRP C 279 15.34 -9.14 5.32
CA TRP C 279 15.27 -7.69 5.09
C TRP C 279 16.35 -7.06 4.21
N ASP C 280 17.57 -7.61 4.22
CA ASP C 280 18.66 -7.01 3.44
C ASP C 280 18.61 -7.39 1.96
N VAL C 281 18.96 -6.41 1.11
CA VAL C 281 19.11 -6.64 -0.31
C VAL C 281 20.58 -6.97 -0.56
N HIS C 282 20.86 -8.26 -0.76
CA HIS C 282 22.24 -8.76 -0.84
C HIS C 282 22.92 -8.48 -2.20
N SER D 7 16.80 -20.10 -6.05
CA SER D 7 15.50 -20.12 -5.30
C SER D 7 15.56 -19.22 -4.06
N LEU D 8 14.39 -18.88 -3.53
CA LEU D 8 14.31 -18.15 -2.26
C LEU D 8 14.63 -19.04 -1.06
N THR D 9 14.34 -20.34 -1.20
CA THR D 9 14.58 -21.37 -0.16
C THR D 9 16.07 -21.52 0.22
N GLU D 10 16.96 -21.53 -0.78
CA GLU D 10 18.41 -21.57 -0.53
C GLU D 10 19.01 -20.29 0.08
N ARG D 11 18.37 -19.14 -0.11
CA ARG D 11 18.85 -17.90 0.50
C ARG D 11 18.00 -17.44 1.69
N HIS D 12 17.16 -18.35 2.20
CA HIS D 12 16.45 -18.15 3.46
C HIS D 12 16.48 -19.40 4.32
N LYS D 13 17.68 -19.79 4.76
CA LYS D 13 17.92 -21.08 5.42
C LYS D 13 17.34 -21.22 6.83
N ILE D 14 17.28 -20.11 7.56
CA ILE D 14 16.76 -20.09 8.93
C ILE D 14 15.22 -20.09 8.89
N LEU D 15 14.67 -19.33 7.94
CA LEU D 15 13.22 -19.25 7.69
C LEU D 15 12.63 -20.57 7.19
N HIS D 16 13.41 -21.29 6.38
CA HIS D 16 13.07 -22.65 5.95
C HIS D 16 13.11 -23.64 7.11
N ARG D 17 14.08 -23.47 8.02
CA ARG D 17 14.25 -24.36 9.17
C ARG D 17 13.14 -24.19 10.21
N LEU D 18 12.65 -22.97 10.36
CA LEU D 18 11.51 -22.67 11.25
C LEU D 18 10.18 -23.21 10.69
N LEU D 19 10.06 -23.24 9.37
CA LEU D 19 8.89 -23.78 8.70
C LEU D 19 8.83 -25.32 8.72
N GLN D 20 9.99 -25.97 8.87
CA GLN D 20 10.09 -27.42 8.93
C GLN D 20 9.89 -27.95 10.36
N GLU D 21 10.33 -27.17 11.35
CA GLU D 21 10.22 -27.54 12.75
C GLU D 21 8.79 -27.33 13.28
C2 4KM E . 7.89 9.44 -16.70
C3 4KM E . 6.73 9.33 -17.43
C18 4KM E . 0.01 9.34 -17.73
C20 4KM E . 0.91 8.36 -19.70
C17 4KM E . 1.25 9.33 -17.15
C21 4KM E . 2.17 8.35 -19.12
C6 4KM E . 7.08 7.75 -15.24
C5 4KM E . 5.92 7.64 -15.97
C1 4KM E . 8.06 8.63 -15.60
C4 4KM E . 5.74 8.44 -17.10
C19 4KM E . -0.18 8.84 -19.00
C16 4KM E . 2.32 8.85 -17.84
C7 4KM E . 5.06 6.61 -15.35
C24 4KM E . -2.62 8.11 -19.38
C26 4KM E . -2.65 7.06 -18.31
C11 4KM E . 2.06 6.19 -15.34
C12 4KM E . 2.53 5.03 -17.41
C13 4KM E . 3.12 3.99 -15.31
C23 4KM E . -1.61 9.93 -20.59
C14 4KM E . 4.55 8.50 -18.00
C27 4KM E . 9.30 8.73 -14.78
C10 4KM E . 3.07 5.31 -16.03
N22 4KM E . -1.47 8.88 -19.61
O8 4KM E . 5.14 6.50 -14.13
O25 4KM E . -3.64 8.29 -20.03
O15 4KM E . 3.51 8.89 -17.15
O9 4KM E . 4.40 5.80 -16.24
F28 4KM E . 10.40 8.68 -15.56
F29 4KM E . 9.35 9.87 -14.06
F30 4KM E . 9.42 7.73 -13.86
C2 4KM F . 14.88 -3.72 14.13
C3 4KM F . 14.04 -4.18 15.11
C18 4KM F . 8.35 -7.31 17.11
C20 4KM F . 9.12 -5.90 18.85
C17 4KM F . 9.22 -6.74 16.23
C21 4KM F . 10.02 -5.33 17.99
C6 4KM F . 13.05 -2.65 13.09
C5 4KM F . 12.19 -3.10 14.07
C1 4KM F . 14.39 -2.94 13.10
C4 4KM F . 12.68 -3.89 15.11
C19 4KM F . 8.26 -6.89 18.41
C16 4KM F . 10.07 -5.75 16.67
C7 4KM F . 10.80 -2.62 13.79
C24 4KM F . 5.97 -7.48 19.41
C26 4KM F . 5.13 -6.59 18.52
C11 4KM F . 8.02 -3.61 14.59
C12 4KM F . 8.44 -2.27 16.57
C13 4KM F . 7.96 -1.20 14.49
C23 4KM F . 8.01 -8.44 20.19
C14 4KM F . 11.93 -4.49 16.26
C27 4KM F . 15.31 -2.45 12.03
C10 4KM F . 8.70 -2.36 15.09
N22 4KM F . 7.35 -7.50 19.32
O8 4KM F . 10.49 -2.57 12.61
O25 4KM F . 5.36 -8.18 20.22
O15 4KM F . 10.90 -5.26 15.69
O9 4KM F . 10.11 -2.18 14.90
F28 4KM F . 16.26 -1.61 12.53
F29 4KM F . 15.98 -3.47 11.42
F30 4KM F . 14.71 -1.78 11.01
#